data_2RH0
#
_entry.id   2RH0
#
_cell.length_a   44.568
_cell.length_b   64.504
_cell.length_c   64.423
_cell.angle_alpha   74.51
_cell.angle_beta   81.06
_cell.angle_gamma   81.22
#
_symmetry.space_group_name_H-M   'P 1'
#
loop_
_entity.id
_entity.type
_entity.pdbx_description
1 polymer 'NudC domain-containing protein 2'
2 non-polymer 1,2-ETHANEDIOL
3 water water
#
_entity_poly.entity_id   1
_entity_poly.type   'polypeptide(L)'
_entity_poly.pdbx_seq_one_letter_code
;GFEERSGVVPCGTPWGQWYQTLEEVFIEVQVPPGTRAQDIQCGLQSRHVALAVGGREILKGKLFDSTIADEGTWTLEDRK
(MSE)VRIVLTKTKRDAANCWTSLLESEYAADPWVQDQ(MSE)QRKLTLERFQKENPGFDFSGAEISGNYTKGGPDFSNL
GNDGT
;
_entity_poly.pdbx_strand_id   A,B,C,D
#
loop_
_chem_comp.id
_chem_comp.type
_chem_comp.name
_chem_comp.formula
EDO non-polymer 1,2-ETHANEDIOL 'C2 H6 O2'
#
# COMPACT_ATOMS: atom_id res chain seq x y z
N PHE A 2 14.50 14.48 15.23
CA PHE A 2 14.12 13.10 14.78
C PHE A 2 13.14 13.03 13.56
N GLU A 3 13.50 13.62 12.40
CA GLU A 3 12.59 13.77 11.22
C GLU A 3 12.36 12.49 10.38
N GLU A 4 13.33 11.58 10.44
CA GLU A 4 13.14 10.19 9.99
C GLU A 4 12.25 9.45 11.03
N ARG A 5 12.19 10.00 12.24
CA ARG A 5 11.37 9.49 13.33
C ARG A 5 9.86 9.60 13.12
N SER A 6 9.38 10.36 12.13
CA SER A 6 7.95 10.51 11.96
C SER A 6 7.28 9.18 11.65
N GLY A 7 6.21 8.92 12.37
CA GLY A 7 5.45 7.70 12.22
C GLY A 7 6.10 6.39 12.69
N VAL A 8 7.25 6.45 13.34
CA VAL A 8 7.80 5.24 13.94
C VAL A 8 7.02 4.92 15.20
N VAL A 9 6.70 3.65 15.31
CA VAL A 9 5.82 3.17 16.31
C VAL A 9 6.61 2.36 17.33
N PRO A 10 6.75 2.89 18.55
CA PRO A 10 7.49 2.18 19.58
C PRO A 10 6.73 1.20 20.44
N CYS A 11 7.50 0.28 21.02
CA CYS A 11 7.01 -0.63 22.06
C CYS A 11 7.85 -0.27 23.27
N GLY A 12 7.20 0.22 24.32
CA GLY A 12 7.87 0.57 25.54
C GLY A 12 8.26 -0.67 26.33
N THR A 13 9.32 -0.55 27.10
CA THR A 13 9.86 -1.65 27.92
C THR A 13 10.25 -0.97 29.22
N PRO A 14 10.59 -1.74 30.26
CA PRO A 14 11.02 -1.14 31.53
C PRO A 14 12.27 -0.28 31.42
N TRP A 15 13.17 -0.55 30.46
CA TRP A 15 14.43 0.23 30.29
C TRP A 15 14.41 1.19 29.16
N GLY A 16 13.35 1.18 28.35
CA GLY A 16 13.23 2.12 27.25
C GLY A 16 12.20 1.71 26.21
N GLN A 17 12.63 1.56 24.95
CA GLN A 17 11.71 1.15 23.90
C GLN A 17 12.45 0.55 22.73
N TRP A 18 11.71 -0.17 21.90
CA TRP A 18 12.24 -0.64 20.64
C TRP A 18 11.24 -0.36 19.55
N TYR A 19 11.72 -0.38 18.32
CA TYR A 19 10.90 -0.17 17.15
C TYR A 19 11.63 -0.72 15.93
N GLN A 20 11.01 -0.65 14.76
CA GLN A 20 11.61 -1.25 13.59
C GLN A 20 11.20 -0.56 12.32
N THR A 21 11.87 -0.95 11.25
CA THR A 21 11.63 -0.50 9.90
C THR A 21 11.73 -1.76 9.07
N LEU A 22 11.59 -1.63 7.76
CA LEU A 22 11.68 -2.81 6.93
C LEU A 22 12.99 -3.48 7.07
N GLU A 23 14.06 -2.70 7.22
CA GLU A 23 15.39 -3.25 7.26
C GLU A 23 16.09 -3.40 8.62
N GLU A 24 15.69 -2.60 9.61
CA GLU A 24 16.41 -2.58 10.87
C GLU A 24 15.51 -2.67 12.08
N VAL A 25 16.16 -3.05 13.18
CA VAL A 25 15.56 -3.04 14.50
C VAL A 25 16.31 -2.05 15.37
N PHE A 26 15.57 -1.26 16.16
CA PHE A 26 16.14 -0.18 16.98
C PHE A 26 15.84 -0.47 18.42
N ILE A 27 16.85 -0.37 19.27
CA ILE A 27 16.70 -0.61 20.70
C ILE A 27 17.26 0.59 21.41
N GLU A 28 16.41 1.32 22.14
CA GLU A 28 16.85 2.46 22.91
C GLU A 28 16.77 2.17 24.39
N VAL A 29 17.92 2.18 25.04
CA VAL A 29 18.05 1.78 26.45
C VAL A 29 18.46 2.96 27.30
N GLN A 30 17.59 3.45 28.19
CA GLN A 30 17.95 4.53 29.09
C GLN A 30 19.04 4.08 30.05
N VAL A 31 20.05 4.93 30.21
CA VAL A 31 21.14 4.64 31.14
C VAL A 31 21.32 5.84 32.07
N PRO A 32 21.97 5.63 33.22
CA PRO A 32 22.22 6.76 34.10
C PRO A 32 23.04 7.84 33.40
N PRO A 33 22.80 9.12 33.77
CA PRO A 33 23.42 10.24 33.05
C PRO A 33 24.95 10.31 33.11
N GLY A 34 25.56 9.70 34.13
CA GLY A 34 27.01 9.65 34.21
C GLY A 34 27.66 8.49 33.46
N THR A 35 26.88 7.74 32.69
CA THR A 35 27.41 6.60 31.96
C THR A 35 28.37 7.06 30.91
N ARG A 36 29.46 6.30 30.75
CA ARG A 36 30.50 6.62 29.77
C ARG A 36 30.66 5.42 28.89
N ALA A 37 31.15 5.63 27.68
CA ALA A 37 31.35 4.51 26.73
C ALA A 37 32.16 3.37 27.32
N GLN A 38 33.13 3.74 28.15
CA GLN A 38 33.95 2.73 28.81
C GLN A 38 33.17 1.83 29.74
N ASP A 39 31.98 2.25 30.18
CA ASP A 39 31.14 1.47 31.09
C ASP A 39 30.22 0.41 30.42
N ILE A 40 30.26 0.32 29.10
CA ILE A 40 29.36 -0.47 28.31
C ILE A 40 30.01 -1.77 27.85
N GLN A 41 29.34 -2.89 28.08
CA GLN A 41 29.73 -4.13 27.40
CA GLN A 41 29.70 -4.18 27.48
C GLN A 41 28.50 -4.58 26.61
N CYS A 42 28.67 -4.72 25.32
CA CYS A 42 27.58 -5.04 24.43
C CYS A 42 28.04 -6.07 23.39
N GLY A 43 27.35 -7.19 23.34
CA GLY A 43 27.61 -8.23 22.34
C GLY A 43 26.40 -8.31 21.43
N LEU A 44 26.63 -8.18 20.14
CA LEU A 44 25.58 -8.25 19.14
C LEU A 44 25.87 -9.44 18.23
N GLN A 45 25.11 -10.53 18.39
CA GLN A 45 25.31 -11.70 17.55
C GLN A 45 24.10 -11.81 16.66
N SER A 46 24.16 -12.71 15.69
CA SER A 46 23.08 -12.83 14.73
C SER A 46 21.70 -13.05 15.36
N ARG A 47 21.63 -13.81 16.44
CA ARG A 47 20.38 -14.13 17.07
C ARG A 47 20.35 -13.89 18.56
N HIS A 48 21.36 -13.20 19.08
CA HIS A 48 21.46 -12.86 20.51
C HIS A 48 22.07 -11.51 20.72
N VAL A 49 21.63 -10.87 21.79
CA VAL A 49 22.11 -9.57 22.21
C VAL A 49 22.33 -9.58 23.71
N ALA A 50 23.23 -8.71 24.17
CA ALA A 50 23.57 -8.59 25.59
C ALA A 50 24.11 -7.21 25.84
N LEU A 51 23.62 -6.57 26.88
CA LEU A 51 24.06 -5.23 27.24
C LEU A 51 24.15 -5.14 28.74
N ALA A 52 25.31 -4.70 29.21
CA ALA A 52 25.57 -4.47 30.62
C ALA A 52 26.18 -3.07 30.69
N VAL A 53 25.72 -2.29 31.67
CA VAL A 53 26.20 -0.94 31.95
C VAL A 53 26.76 -0.94 33.38
N GLY A 54 28.00 -0.46 33.51
CA GLY A 54 28.68 -0.48 34.78
C GLY A 54 28.58 -1.84 35.45
N GLY A 55 28.77 -2.91 34.67
CA GLY A 55 28.72 -4.28 35.18
C GLY A 55 27.35 -4.86 35.49
N ARG A 56 26.29 -4.07 35.32
CA ARG A 56 24.90 -4.45 35.59
C ARG A 56 24.20 -4.86 34.29
N GLU A 57 23.74 -6.10 34.19
CA GLU A 57 23.09 -6.58 32.97
C GLU A 57 21.76 -5.90 32.83
N ILE A 58 21.53 -5.24 31.69
CA ILE A 58 20.27 -4.55 31.43
C ILE A 58 19.36 -5.32 30.46
N LEU A 59 19.97 -5.97 29.48
CA LEU A 59 19.23 -6.67 28.47
C LEU A 59 20.05 -7.84 27.97
N LYS A 60 19.43 -8.98 27.79
CA LYS A 60 20.13 -10.16 27.34
C LYS A 60 19.13 -11.16 26.89
N GLY A 61 19.29 -11.68 25.68
CA GLY A 61 18.40 -12.72 25.26
C GLY A 61 18.52 -13.02 23.80
N LYS A 62 17.65 -13.92 23.37
CA LYS A 62 17.63 -14.41 22.02
C LYS A 62 16.70 -13.53 21.23
N LEU A 63 17.19 -13.07 20.09
CA LEU A 63 16.42 -12.15 19.25
C LEU A 63 15.23 -12.84 18.61
N PHE A 64 14.16 -12.09 18.38
CA PHE A 64 12.97 -12.64 17.74
C PHE A 64 13.27 -13.29 16.42
N ASP A 65 14.24 -12.76 15.68
CA ASP A 65 14.62 -13.36 14.39
C ASP A 65 16.09 -12.99 14.12
N SER A 66 16.63 -13.45 13.00
CA SER A 66 18.04 -13.27 12.77
C SER A 66 18.39 -11.94 12.15
N THR A 67 19.60 -11.47 12.47
CA THR A 67 20.12 -10.21 12.03
C THR A 67 21.50 -10.46 11.41
N ILE A 68 22.01 -9.49 10.66
CA ILE A 68 23.34 -9.62 10.08
C ILE A 68 24.31 -9.07 11.12
N ALA A 69 24.99 -9.99 11.80
CA ALA A 69 25.83 -9.69 12.99
C ALA A 69 26.85 -8.60 12.81
N ASP A 70 27.58 -8.65 11.71
CA ASP A 70 28.65 -7.69 11.45
C ASP A 70 28.15 -6.29 11.19
N GLU A 71 26.84 -6.09 10.98
CA GLU A 71 26.29 -4.76 10.75
C GLU A 71 25.68 -4.12 11.98
N GLY A 72 25.54 -4.87 13.07
CA GLY A 72 24.98 -4.32 14.32
C GLY A 72 25.84 -3.24 14.93
N THR A 73 25.24 -2.17 15.42
CA THR A 73 25.98 -1.08 16.01
C THR A 73 25.35 -0.70 17.34
N TRP A 74 26.15 -0.17 18.25
CA TRP A 74 25.66 0.42 19.47
C TRP A 74 26.39 1.74 19.59
N THR A 75 25.70 2.75 20.09
CA THR A 75 26.32 4.04 20.35
C THR A 75 25.69 4.60 21.63
N LEU A 76 26.48 5.32 22.42
CA LEU A 76 26.00 5.99 23.61
C LEU A 76 25.65 7.42 23.23
N GLU A 77 24.45 7.87 23.55
CA GLU A 77 24.00 9.20 23.13
C GLU A 77 23.57 10.06 24.33
N ASP A 78 24.07 11.30 24.39
CA ASP A 78 23.54 12.31 25.34
C ASP A 78 22.19 12.79 24.77
N ARG A 79 21.15 12.75 25.58
CA ARG A 79 19.81 12.97 25.04
C ARG A 79 19.00 13.88 25.99
N LYS A 80 19.68 14.84 26.61
CA LYS A 80 19.00 15.72 27.53
C LYS A 80 17.84 16.35 26.78
N MSE A 81 16.70 16.51 27.45
CA MSE A 81 15.60 17.16 26.78
C MSE A 81 14.69 17.98 27.69
O MSE A 81 14.58 17.72 28.88
CB MSE A 81 14.75 16.12 26.06
CG MSE A 81 13.96 15.23 26.99
SE MSE A 81 12.47 14.19 26.23
CE MSE A 81 13.48 13.17 24.91
N VAL A 82 14.05 18.98 27.08
CA VAL A 82 12.91 19.66 27.72
C VAL A 82 11.62 19.00 27.22
N ARG A 83 10.81 18.49 28.14
CA ARG A 83 9.61 17.85 27.77
C ARG A 83 8.49 18.73 28.25
N ILE A 84 7.61 19.14 27.34
CA ILE A 84 6.47 20.01 27.66
C ILE A 84 5.20 19.21 27.47
N VAL A 85 4.30 19.27 28.43
CA VAL A 85 3.01 18.58 28.36
C VAL A 85 1.90 19.63 28.51
N LEU A 86 1.03 19.68 27.48
CA LEU A 86 -0.08 20.58 27.42
C LEU A 86 -1.37 19.80 27.51
N THR A 87 -2.40 20.40 28.09
CA THR A 87 -3.69 19.77 28.25
C THR A 87 -4.63 20.38 27.25
N LYS A 88 -5.13 19.58 26.32
CA LYS A 88 -6.07 20.07 25.30
C LYS A 88 -7.35 20.61 25.96
N THR A 89 -7.88 21.73 25.47
CA THR A 89 -9.17 22.21 25.94
C THR A 89 -10.26 21.23 25.45
N LYS A 90 -10.16 20.78 24.20
CA LYS A 90 -11.12 19.84 23.58
C LYS A 90 -10.42 18.46 23.40
N ARG A 91 -10.97 17.42 24.01
CA ARG A 91 -10.30 16.11 24.13
C ARG A 91 -11.03 14.90 23.50
N ASP A 92 -11.73 15.12 22.37
CA ASP A 92 -12.39 14.04 21.65
C ASP A 92 -11.41 13.42 20.63
N ALA A 93 -11.69 12.22 20.13
CA ALA A 93 -10.85 11.65 19.04
C ALA A 93 -10.91 12.56 17.78
N ALA A 94 -11.99 13.36 17.68
CA ALA A 94 -12.17 14.37 16.61
C ALA A 94 -11.35 15.65 16.84
N ASN A 95 -10.63 15.75 17.97
CA ASN A 95 -9.67 16.82 18.23
C ASN A 95 -8.25 16.28 18.09
N CYS A 96 -8.01 15.60 16.99
CA CYS A 96 -6.71 15.12 16.68
C CYS A 96 -5.96 16.28 16.01
N TRP A 97 -4.89 16.79 16.63
CA TRP A 97 -4.14 17.90 16.05
C TRP A 97 -3.38 17.43 14.85
N THR A 98 -3.40 18.19 13.76
CA THR A 98 -2.71 17.80 12.52
C THR A 98 -1.29 18.41 12.39
N SER A 99 -1.01 19.39 13.28
CA SER A 99 0.30 20.04 13.40
C SER A 99 0.39 20.55 14.82
N LEU A 100 1.60 20.85 15.26
CA LEU A 100 1.84 21.35 16.60
C LEU A 100 1.44 22.81 16.68
N LEU A 101 1.94 23.58 15.74
CA LEU A 101 1.61 25.00 15.73
C LEU A 101 0.67 25.14 14.56
N GLU A 102 -0.03 26.26 14.55
CA GLU A 102 -0.99 26.58 13.52
C GLU A 102 -0.34 26.41 12.12
N SER A 103 0.89 26.86 11.92
CA SER A 103 1.46 26.83 10.59
C SER A 103 2.84 26.23 10.59
N GLU A 104 3.06 25.21 11.39
CA GLU A 104 4.38 24.66 11.49
C GLU A 104 4.32 23.34 12.22
N TYR A 105 5.26 22.48 11.88
CA TYR A 105 5.35 21.14 12.42
C TYR A 105 4.09 20.31 12.16
N ALA A 106 3.73 20.25 10.88
CA ALA A 106 2.60 19.49 10.43
C ALA A 106 3.04 18.04 10.21
N ALA A 107 2.13 17.13 10.50
CA ALA A 107 2.27 15.72 10.22
C ALA A 107 1.92 15.52 8.77
N ASP A 108 2.68 14.74 8.02
CA ASP A 108 2.24 14.37 6.67
C ASP A 108 0.97 13.55 6.76
N PRO A 109 0.26 13.35 5.65
CA PRO A 109 -1.02 12.69 5.70
C PRO A 109 -1.05 11.30 6.30
N TRP A 110 0.02 10.53 6.13
CA TRP A 110 0.08 9.20 6.70
C TRP A 110 0.27 9.23 8.21
N VAL A 111 1.18 10.09 8.69
CA VAL A 111 1.41 10.24 10.11
C VAL A 111 0.12 10.79 10.77
N GLN A 112 -0.60 11.63 10.07
CA GLN A 112 -1.87 12.17 10.59
C GLN A 112 -2.84 11.02 10.76
N ASP A 113 -2.80 10.07 9.81
CA ASP A 113 -3.73 8.95 9.84
C ASP A 113 -3.34 8.01 11.00
N GLN A 114 -2.04 7.78 11.20
CA GLN A 114 -1.57 6.97 12.32
C GLN A 114 -2.02 7.60 13.64
N MSE A 115 -1.82 8.91 13.76
CA MSE A 115 -2.23 9.61 14.97
C MSE A 115 -3.68 9.49 15.22
O MSE A 115 -4.09 9.21 16.34
CB MSE A 115 -1.79 11.09 14.89
CG MSE A 115 -0.29 11.26 15.01
SE MSE A 115 0.23 13.14 14.87
CE MSE A 115 2.01 13.02 15.53
N GLN A 116 -4.52 9.66 14.20
CA GLN A 116 -5.96 9.57 14.33
C GLN A 116 -6.41 8.18 14.77
N ARG A 117 -5.81 7.15 14.16
CA ARG A 117 -6.09 5.80 14.52
C ARG A 117 -5.79 5.51 15.98
N LYS A 118 -4.71 6.03 16.54
CA LYS A 118 -4.37 5.77 17.93
CA LYS A 118 -4.37 5.78 17.92
C LYS A 118 -5.38 6.45 18.88
N LEU A 119 -5.78 7.65 18.52
CA LEU A 119 -6.76 8.38 19.31
C LEU A 119 -8.16 7.71 19.26
N THR A 120 -8.58 7.27 18.08
CA THR A 120 -9.81 6.48 17.94
C THR A 120 -9.78 5.25 18.78
N LEU A 121 -8.65 4.55 18.76
CA LEU A 121 -8.46 3.37 19.58
C LEU A 121 -8.45 3.66 21.06
N GLU A 122 -7.72 4.70 21.48
CA GLU A 122 -7.71 5.12 22.88
CA GLU A 122 -7.71 5.10 22.89
C GLU A 122 -9.15 5.37 23.34
N ARG A 123 -9.91 6.01 22.49
CA ARG A 123 -11.29 6.37 22.79
C ARG A 123 -12.17 5.13 22.84
N PHE A 124 -11.95 4.20 21.92
CA PHE A 124 -12.69 2.96 21.86
C PHE A 124 -12.44 2.19 23.18
N GLN A 125 -11.19 2.09 23.60
CA GLN A 125 -10.83 1.43 24.84
C GLN A 125 -11.49 2.09 26.03
N LYS A 126 -11.47 3.41 26.08
CA LYS A 126 -12.12 4.15 27.18
C LYS A 126 -13.66 3.96 27.21
N GLU A 127 -14.29 3.83 26.05
CA GLU A 127 -15.76 3.68 26.00
C GLU A 127 -16.22 2.23 26.19
N ASN A 128 -15.28 1.30 26.12
CA ASN A 128 -15.56 -0.11 26.28
C ASN A 128 -14.56 -0.73 27.27
N PRO A 129 -14.53 -0.23 28.53
CA PRO A 129 -13.51 -0.69 29.49
C PRO A 129 -13.51 -2.22 29.78
N GLY A 130 -14.65 -2.87 29.59
CA GLY A 130 -14.80 -4.30 29.80
C GLY A 130 -14.10 -5.22 28.81
N PHE A 131 -13.78 -4.73 27.61
CA PHE A 131 -13.06 -5.56 26.64
C PHE A 131 -11.53 -5.57 26.89
N ASP A 132 -10.90 -6.71 26.66
CA ASP A 132 -9.46 -6.87 26.83
C ASP A 132 -8.78 -6.69 25.48
N PHE A 133 -7.84 -5.74 25.42
CA PHE A 133 -7.15 -5.36 24.18
C PHE A 133 -5.70 -5.93 23.99
N SER A 134 -5.52 -7.17 24.45
CA SER A 134 -4.31 -7.98 24.23
C SER A 134 -4.60 -9.46 24.48
N GLU B 3 6.40 2.68 28.63
CA GLU B 3 5.36 1.60 28.66
C GLU B 3 3.96 2.17 28.37
N GLU B 4 3.73 3.38 28.88
CA GLU B 4 2.66 4.23 28.37
C GLU B 4 3.11 4.72 26.95
N ARG B 5 4.41 4.54 26.65
CA ARG B 5 5.02 4.87 25.37
C ARG B 5 4.52 4.01 24.18
N SER B 6 4.03 2.80 24.44
CA SER B 6 3.72 1.91 23.36
C SER B 6 2.66 2.48 22.47
N GLY B 7 2.88 2.39 21.16
CA GLY B 7 1.91 2.88 20.18
C GLY B 7 1.78 4.41 20.06
N VAL B 8 2.61 5.18 20.74
CA VAL B 8 2.51 6.61 20.51
C VAL B 8 3.27 6.94 19.22
N VAL B 9 2.60 7.74 18.40
CA VAL B 9 3.01 8.10 17.07
C VAL B 9 3.62 9.50 17.06
N PRO B 10 4.96 9.59 16.91
CA PRO B 10 5.55 10.92 16.88
C PRO B 10 5.63 11.60 15.52
N CYS B 11 5.68 12.94 15.55
CA CYS B 11 6.03 13.73 14.38
C CYS B 11 7.39 14.33 14.69
N GLY B 12 8.42 13.96 13.92
CA GLY B 12 9.76 14.50 14.08
C GLY B 12 9.83 15.95 13.62
N THR B 13 10.73 16.72 14.22
CA THR B 13 10.91 18.13 13.89
C THR B 13 12.41 18.33 13.99
N PRO B 14 12.92 19.50 13.56
CA PRO B 14 14.37 19.74 13.65
C PRO B 14 14.97 19.66 15.05
N TRP B 15 14.19 20.00 16.10
CA TRP B 15 14.68 20.00 17.50
C TRP B 15 14.20 18.85 18.35
N GLY B 16 13.39 17.97 17.80
CA GLY B 16 12.92 16.82 18.54
C GLY B 16 11.69 16.20 17.92
N GLN B 17 10.63 16.03 18.71
CA GLN B 17 9.38 15.51 18.20
C GLN B 17 8.18 15.96 19.03
N TRP B 18 6.99 15.80 18.50
CA TRP B 18 5.80 15.96 19.28
C TRP B 18 4.83 14.83 18.98
N TYR B 19 3.90 14.61 19.89
CA TYR B 19 2.91 13.54 19.78
C TYR B 19 1.75 13.93 20.67
N GLN B 20 0.68 13.17 20.62
CA GLN B 20 -0.51 13.57 21.36
C GLN B 20 -1.28 12.35 21.82
N THR B 21 -2.19 12.59 22.78
CA THR B 21 -3.15 11.63 23.23
C THR B 21 -4.49 12.31 23.18
N LEU B 22 -5.53 11.62 23.62
CA LEU B 22 -6.84 12.22 23.58
C LEU B 22 -6.82 13.47 24.38
N GLU B 23 -6.08 13.47 25.47
CA GLU B 23 -6.09 14.58 26.37
C GLU B 23 -4.93 15.55 26.34
N GLU B 24 -3.76 15.12 25.92
CA GLU B 24 -2.58 15.98 26.01
C GLU B 24 -1.81 16.05 24.72
N VAL B 25 -0.91 17.03 24.68
CA VAL B 25 0.05 17.22 23.60
C VAL B 25 1.42 17.22 24.29
N PHE B 26 2.38 16.49 23.70
CA PHE B 26 3.72 16.30 24.23
C PHE B 26 4.71 16.88 23.25
N ILE B 27 5.66 17.66 23.77
CA ILE B 27 6.71 18.30 22.96
C ILE B 27 7.99 17.90 23.62
N GLU B 28 8.85 17.18 22.89
CA GLU B 28 10.16 16.79 23.39
C GLU B 28 11.22 17.52 22.60
N VAL B 29 11.97 18.38 23.28
CA VAL B 29 12.98 19.24 22.64
C VAL B 29 14.37 18.87 23.11
N GLN B 30 15.20 18.35 22.20
CA GLN B 30 16.60 18.08 22.54
C GLN B 30 17.33 19.34 22.92
N VAL B 31 18.13 19.29 23.98
CA VAL B 31 18.95 20.42 24.39
C VAL B 31 20.39 19.93 24.59
N PRO B 32 21.35 20.84 24.59
CA PRO B 32 22.74 20.44 24.86
C PRO B 32 22.86 19.75 26.22
N PRO B 33 23.82 18.82 26.35
CA PRO B 33 23.82 18.01 27.58
C PRO B 33 24.15 18.77 28.87
N GLY B 34 24.77 19.95 28.75
CA GLY B 34 25.10 20.76 29.90
C GLY B 34 23.99 21.73 30.29
N THR B 35 22.81 21.58 29.69
CA THR B 35 21.69 22.49 30.00
C THR B 35 21.25 22.27 31.42
N ARG B 36 20.92 23.36 32.11
CA ARG B 36 20.47 23.30 33.49
C ARG B 36 19.13 23.93 33.56
N ALA B 37 18.35 23.54 34.56
CA ALA B 37 17.02 24.09 34.76
C ALA B 37 17.02 25.64 34.73
N GLN B 38 18.07 26.21 35.31
CA GLN B 38 18.19 27.67 35.34
C GLN B 38 18.37 28.25 33.96
N ASP B 39 18.76 27.46 32.97
CA ASP B 39 18.98 27.97 31.60
C ASP B 39 17.73 28.01 30.73
N ILE B 40 16.59 27.57 31.24
CA ILE B 40 15.31 27.53 30.51
C ILE B 40 14.33 28.69 30.77
N GLN B 41 13.85 29.34 29.70
CA GLN B 41 12.72 30.26 29.79
CA GLN B 41 12.75 30.30 29.75
C GLN B 41 11.61 29.66 28.97
N CYS B 42 10.51 29.34 29.60
CA CYS B 42 9.43 28.70 28.90
C CYS B 42 8.13 29.27 29.33
N GLY B 43 7.38 29.82 28.38
CA GLY B 43 6.05 30.34 28.65
C GLY B 43 5.02 29.48 27.95
N LEU B 44 4.01 29.08 28.68
CA LEU B 44 2.97 28.22 28.16
C LEU B 44 1.63 28.94 28.37
N GLN B 45 1.00 29.41 27.29
CA GLN B 45 -0.29 30.06 27.39
C GLN B 45 -1.31 29.21 26.68
N SER B 46 -2.57 29.56 26.83
CA SER B 46 -3.64 28.75 26.25
C SER B 46 -3.43 28.44 24.75
N ARG B 47 -2.93 29.43 24.01
CA ARG B 47 -2.80 29.28 22.56
C ARG B 47 -1.38 29.54 22.01
N HIS B 48 -0.40 29.68 22.89
CA HIS B 48 0.96 30.02 22.51
C HIS B 48 1.97 29.36 23.37
N VAL B 49 3.10 29.04 22.78
CA VAL B 49 4.20 28.51 23.53
C VAL B 49 5.47 29.24 23.12
N ALA B 50 6.42 29.27 24.04
CA ALA B 50 7.74 29.88 23.81
C ALA B 50 8.76 29.13 24.68
N LEU B 51 9.86 28.72 24.05
CA LEU B 51 10.95 28.09 24.77
C LEU B 51 12.26 28.63 24.28
N ALA B 52 13.07 29.11 25.20
CA ALA B 52 14.43 29.55 24.92
C ALA B 52 15.32 28.84 25.94
N VAL B 53 16.48 28.37 25.46
CA VAL B 53 17.50 27.67 26.24
C VAL B 53 18.83 28.46 26.18
N GLY B 54 19.37 28.81 27.33
CA GLY B 54 20.55 29.64 27.39
C GLY B 54 20.39 30.87 26.49
N GLY B 55 19.20 31.48 26.48
CA GLY B 55 18.93 32.65 25.65
C GLY B 55 18.65 32.47 24.17
N ARG B 56 18.81 31.26 23.67
CA ARG B 56 18.56 30.94 22.27
C ARG B 56 17.12 30.44 22.13
N GLU B 57 16.32 31.11 21.31
CA GLU B 57 14.94 30.69 21.07
C GLU B 57 14.94 29.39 20.28
N ILE B 58 14.27 28.36 20.81
CA ILE B 58 14.16 27.07 20.12
C ILE B 58 12.80 26.90 19.45
N LEU B 59 11.73 27.35 20.12
CA LEU B 59 10.40 27.11 19.68
C LEU B 59 9.51 28.23 20.17
N LYS B 60 8.69 28.77 19.29
CA LYS B 60 7.83 29.88 19.64
C LYS B 60 6.76 29.98 18.62
N GLY B 61 5.51 30.01 19.07
CA GLY B 61 4.42 30.21 18.15
C GLY B 61 3.08 29.94 18.72
N LYS B 62 2.11 29.99 17.82
CA LYS B 62 0.73 29.80 18.12
C LYS B 62 0.40 28.33 17.98
N LEU B 63 -0.18 27.78 19.02
CA LEU B 63 -0.58 26.36 19.04
C LEU B 63 -1.68 26.06 18.05
N PHE B 64 -1.69 24.84 17.53
CA PHE B 64 -2.71 24.40 16.61
C PHE B 64 -4.08 24.57 17.17
N ASP B 65 -4.25 24.35 18.46
CA ASP B 65 -5.56 24.54 19.09
C ASP B 65 -5.32 24.97 20.54
N SER B 66 -6.40 25.23 21.29
CA SER B 66 -6.27 25.79 22.60
C SER B 66 -6.05 24.72 23.65
N THR B 67 -5.37 25.12 24.73
CA THR B 67 -5.01 24.27 25.81
C THR B 67 -5.41 24.99 27.12
N ILE B 68 -5.44 24.27 28.23
CA ILE B 68 -5.74 24.83 29.55
C ILE B 68 -4.40 25.29 30.11
N ALA B 69 -4.19 26.61 30.11
CA ALA B 69 -2.88 27.22 30.42
C ALA B 69 -2.27 26.79 31.75
N ASP B 70 -3.08 26.84 32.81
CA ASP B 70 -2.68 26.48 34.18
C ASP B 70 -2.14 25.07 34.32
N GLU B 71 -2.52 24.17 33.42
CA GLU B 71 -2.09 22.77 33.58
C GLU B 71 -0.84 22.42 32.77
N GLY B 72 -0.34 23.36 31.99
CA GLY B 72 0.88 23.09 31.17
C GLY B 72 2.10 22.92 32.04
N THR B 73 2.93 21.94 31.72
CA THR B 73 4.14 21.74 32.46
C THR B 73 5.32 21.62 31.51
N TRP B 74 6.50 21.96 32.03
CA TRP B 74 7.75 21.70 31.38
C TRP B 74 8.69 21.10 32.44
N THR B 75 9.56 20.20 32.01
CA THR B 75 10.60 19.64 32.91
C THR B 75 11.84 19.35 32.06
N LEU B 76 13.02 19.44 32.65
CA LEU B 76 14.26 19.13 31.97
C LEU B 76 14.58 17.72 32.38
N GLU B 77 14.83 16.82 31.44
CA GLU B 77 15.08 15.41 31.77
C GLU B 77 16.45 14.96 31.28
N ASP B 78 17.17 14.18 32.08
CA ASP B 78 18.42 13.49 31.64
C ASP B 78 18.05 12.21 30.91
N ARG B 79 18.44 12.11 29.65
CA ARG B 79 17.95 11.03 28.81
C ARG B 79 19.09 10.28 28.11
N LYS B 80 20.23 10.16 28.79
CA LYS B 80 21.34 9.40 28.18
C LYS B 80 20.86 8.00 27.80
N MSE B 81 21.29 7.52 26.63
CA MSE B 81 20.89 6.20 26.22
C MSE B 81 21.92 5.47 25.34
O MSE B 81 22.73 6.08 24.63
CB MSE B 81 19.59 6.29 25.42
CG MSE B 81 19.80 6.93 24.06
SE MSE B 81 18.40 6.73 22.72
CE MSE B 81 16.94 7.70 23.63
N VAL B 82 21.88 4.15 25.44
CA VAL B 82 22.54 3.29 24.46
C VAL B 82 21.51 3.00 23.37
N ARG B 83 21.81 3.35 22.12
CA ARG B 83 20.96 3.04 21.01
C ARG B 83 21.64 1.92 20.20
N ILE B 84 20.93 0.81 20.04
CA ILE B 84 21.42 -0.35 19.26
C ILE B 84 20.62 -0.42 17.99
N VAL B 85 21.29 -0.60 16.85
CA VAL B 85 20.63 -0.76 15.56
C VAL B 85 21.11 -2.06 14.91
N LEU B 86 20.15 -2.92 14.60
CA LEU B 86 20.38 -4.25 14.05
C LEU B 86 19.86 -4.30 12.64
N THR B 87 20.52 -5.04 11.76
CA THR B 87 20.03 -5.22 10.40
C THR B 87 19.35 -6.57 10.29
N LYS B 88 18.05 -6.55 9.97
CA LYS B 88 17.33 -7.80 9.79
C LYS B 88 17.92 -8.62 8.63
N THR B 89 18.01 -9.93 8.80
CA THR B 89 18.41 -10.78 7.71
C THR B 89 17.32 -10.76 6.63
N LYS B 90 16.06 -10.88 7.05
CA LYS B 90 14.89 -10.88 6.14
C LYS B 90 14.13 -9.57 6.31
N ARG B 91 13.92 -8.85 5.20
CA ARG B 91 13.48 -7.46 5.25
C ARG B 91 12.21 -7.14 4.44
N ASP B 92 11.28 -8.08 4.37
CA ASP B 92 9.98 -7.84 3.72
C ASP B 92 8.99 -7.20 4.72
N ALA B 93 7.92 -6.58 4.25
CA ALA B 93 6.90 -6.07 5.19
C ALA B 93 6.30 -7.23 6.03
N ALA B 94 6.40 -8.46 5.50
CA ALA B 94 5.99 -9.69 6.20
C ALA B 94 7.11 -10.22 7.15
N ASN B 95 8.16 -9.43 7.39
CA ASN B 95 9.15 -9.74 8.41
C ASN B 95 9.01 -8.73 9.52
N CYS B 96 7.76 -8.47 9.87
CA CYS B 96 7.47 -7.56 10.95
C CYS B 96 7.66 -8.34 12.27
N TRP B 97 8.65 -7.98 13.07
CA TRP B 97 8.87 -8.62 14.37
C TRP B 97 7.76 -8.23 15.35
N THR B 98 7.15 -9.20 16.02
CA THR B 98 6.07 -9.00 16.96
C THR B 98 6.56 -8.76 18.39
N SER B 99 7.85 -9.07 18.61
CA SER B 99 8.51 -8.88 19.91
CA SER B 99 8.50 -8.86 19.90
C SER B 99 10.01 -8.66 19.66
N LEU B 100 10.70 -8.06 20.63
CA LEU B 100 12.14 -7.83 20.45
C LEU B 100 12.89 -9.15 20.59
N LEU B 101 12.63 -9.87 21.68
CA LEU B 101 13.31 -11.14 21.90
C LEU B 101 12.30 -12.21 21.64
N GLU B 102 12.78 -13.44 21.51
CA GLU B 102 11.91 -14.58 21.25
C GLU B 102 10.70 -14.59 22.25
N SER B 103 10.96 -14.39 23.54
CA SER B 103 9.93 -14.56 24.56
C SER B 103 9.83 -13.38 25.50
N GLU B 104 10.12 -12.18 25.00
CA GLU B 104 10.10 -11.02 25.90
C GLU B 104 9.99 -9.75 25.07
N TYR B 105 9.40 -8.74 25.66
CA TYR B 105 9.19 -7.47 25.00
C TYR B 105 8.31 -7.56 23.75
N ALA B 106 7.16 -8.21 23.91
CA ALA B 106 6.16 -8.33 22.89
C ALA B 106 5.31 -7.05 22.78
N ALA B 107 4.91 -6.70 21.56
CA ALA B 107 3.97 -5.64 21.32
C ALA B 107 2.59 -6.24 21.51
N ASP B 108 1.68 -5.49 22.12
CA ASP B 108 0.30 -5.96 22.18
C ASP B 108 -0.29 -5.97 20.77
N PRO B 109 -1.43 -6.63 20.57
CA PRO B 109 -1.97 -6.75 19.22
C PRO B 109 -2.17 -5.45 18.46
N TRP B 110 -2.55 -4.39 19.15
CA TRP B 110 -2.76 -3.14 18.48
C TRP B 110 -1.44 -2.52 18.04
N VAL B 111 -0.43 -2.57 18.89
CA VAL B 111 0.88 -2.01 18.54
C VAL B 111 1.46 -2.83 17.39
N GLN B 112 1.22 -4.13 17.40
CA GLN B 112 1.67 -4.97 16.29
C GLN B 112 1.02 -4.53 15.01
N ASP B 113 -0.26 -4.14 15.10
CA ASP B 113 -1.00 -3.71 13.90
C ASP B 113 -0.46 -2.39 13.37
N GLN B 114 -0.16 -1.46 14.28
CA GLN B 114 0.45 -0.17 13.92
C GLN B 114 1.80 -0.37 13.23
N MSE B 115 2.62 -1.28 13.80
CA MSE B 115 3.98 -1.56 13.29
C MSE B 115 3.90 -2.23 11.93
O MSE B 115 4.65 -1.91 11.02
CB MSE B 115 4.74 -2.48 14.23
CG MSE B 115 5.20 -1.86 15.50
SE MSE B 115 6.16 -3.15 16.65
CE MSE B 115 7.00 -1.98 17.75
N GLN B 116 2.95 -3.14 11.78
CA GLN B 116 2.76 -3.75 10.48
C GLN B 116 2.29 -2.71 9.46
N ARG B 117 1.33 -1.85 9.84
CA ARG B 117 0.88 -0.87 8.93
C ARG B 117 1.99 0.03 8.47
N LYS B 118 2.89 0.41 9.34
CA LYS B 118 3.96 1.33 8.97
C LYS B 118 4.90 0.65 7.96
N LEU B 119 5.20 -0.61 8.19
CA LEU B 119 6.05 -1.38 7.30
C LEU B 119 5.43 -1.58 5.90
N THR B 120 4.12 -1.83 5.87
CA THR B 120 3.36 -1.94 4.62
C THR B 120 3.40 -0.64 3.88
N LEU B 121 3.23 0.43 4.61
CA LEU B 121 3.36 1.72 3.99
C LEU B 121 4.77 2.00 3.48
N GLU B 122 5.81 1.62 4.24
CA GLU B 122 7.21 1.81 3.81
CA GLU B 122 7.20 1.84 3.80
C GLU B 122 7.44 1.07 2.50
N ARG B 123 6.95 -0.16 2.42
CA ARG B 123 7.15 -1.04 1.26
C ARG B 123 6.39 -0.46 0.05
N PHE B 124 5.17 -0.03 0.31
CA PHE B 124 4.34 0.59 -0.73
C PHE B 124 5.07 1.79 -1.34
N GLN B 125 5.60 2.67 -0.48
CA GLN B 125 6.33 3.84 -0.92
C GLN B 125 7.54 3.42 -1.69
N LYS B 126 8.29 2.45 -1.20
CA LYS B 126 9.46 1.96 -1.92
C LYS B 126 9.11 1.37 -3.31
N GLU B 127 7.98 0.67 -3.42
CA GLU B 127 7.63 0.00 -4.69
C GLU B 127 6.97 0.94 -5.67
N ASN B 128 6.60 2.12 -5.18
CA ASN B 128 5.93 3.12 -5.99
C ASN B 128 6.60 4.48 -5.81
N PRO B 129 7.90 4.59 -6.16
CA PRO B 129 8.66 5.80 -5.89
C PRO B 129 8.10 7.04 -6.59
N GLY B 130 7.40 6.85 -7.70
CA GLY B 130 6.82 7.97 -8.43
C GLY B 130 5.73 8.74 -7.70
N PHE B 131 5.00 8.09 -6.80
CA PHE B 131 3.90 8.75 -6.11
C PHE B 131 4.36 9.65 -4.96
N ASP B 132 3.60 10.72 -4.72
CA ASP B 132 3.88 11.72 -3.69
C ASP B 132 2.92 11.43 -2.55
N PHE B 133 3.50 11.21 -1.36
CA PHE B 133 2.74 10.86 -0.16
C PHE B 133 2.62 12.02 0.88
N SER B 134 2.39 13.24 0.36
CA SER B 134 2.22 14.47 1.16
C SER B 134 1.80 15.63 0.26
N GLU C 3 -3.38 -14.24 -25.54
CA GLU C 3 -1.97 -14.72 -25.46
C GLU C 3 -1.04 -13.52 -25.61
N GLU C 4 -1.41 -12.63 -26.55
CA GLU C 4 -0.86 -11.28 -26.64
C GLU C 4 -1.65 -10.39 -25.64
N ARG C 5 -2.79 -10.91 -25.16
CA ARG C 5 -3.63 -10.30 -24.12
C ARG C 5 -2.92 -10.14 -22.78
N SER C 6 -1.94 -10.98 -22.51
CA SER C 6 -1.33 -11.02 -21.21
C SER C 6 -0.80 -9.69 -20.79
N GLY C 7 -1.16 -9.28 -19.60
CA GLY C 7 -0.70 -8.07 -19.03
C GLY C 7 -1.22 -6.76 -19.61
N VAL C 8 -2.19 -6.79 -20.49
CA VAL C 8 -2.76 -5.51 -20.93
C VAL C 8 -3.76 -5.04 -19.89
N VAL C 9 -3.70 -3.75 -19.60
CA VAL C 9 -4.42 -3.12 -18.52
C VAL C 9 -5.55 -2.25 -19.07
N PRO C 10 -6.79 -2.64 -18.85
CA PRO C 10 -7.86 -1.92 -19.40
C PRO C 10 -8.40 -0.85 -18.50
N CYS C 11 -9.09 0.08 -19.12
CA CYS C 11 -9.87 1.11 -18.43
C CYS C 11 -11.31 0.82 -18.83
N GLY C 12 -12.16 0.57 -17.85
CA GLY C 12 -13.57 0.33 -18.09
C GLY C 12 -14.35 1.59 -18.40
N THR C 13 -15.38 1.42 -19.21
CA THR C 13 -16.25 2.49 -19.60
C THR C 13 -17.69 1.93 -19.55
N PRO C 14 -18.68 2.81 -19.66
CA PRO C 14 -20.05 2.30 -19.64
C PRO C 14 -20.43 1.34 -20.76
N TRP C 15 -19.71 1.32 -21.90
CA TRP C 15 -20.02 0.44 -23.06
C TRP C 15 -18.98 -0.64 -23.33
N GLY C 16 -17.91 -0.68 -22.53
CA GLY C 16 -16.88 -1.70 -22.68
C GLY C 16 -15.61 -1.22 -22.01
N GLN C 17 -14.51 -1.23 -22.76
CA GLN C 17 -13.23 -0.82 -22.23
C GLN C 17 -12.27 -0.42 -23.32
N TRP C 18 -11.17 0.21 -22.91
CA TRP C 18 -10.10 0.55 -23.82
C TRP C 18 -8.79 0.26 -23.17
N TYR C 19 -7.79 0.08 -24.02
CA TYR C 19 -6.43 -0.16 -23.52
C TYR C 19 -5.47 0.23 -24.60
N GLN C 20 -4.19 0.18 -24.28
CA GLN C 20 -3.17 0.57 -25.23
C GLN C 20 -1.92 -0.29 -25.14
N THR C 21 -1.11 -0.19 -26.21
CA THR C 21 0.27 -0.67 -26.25
C THR C 21 1.12 0.52 -26.65
N LEU C 22 2.41 0.29 -26.89
CA LEU C 22 3.28 1.36 -27.34
C LEU C 22 2.80 1.97 -28.64
N GLU C 23 2.29 1.12 -29.52
CA GLU C 23 1.94 1.51 -30.86
C GLU C 23 0.49 1.70 -31.16
N GLU C 24 -0.40 1.05 -30.40
CA GLU C 24 -1.82 1.10 -30.71
C GLU C 24 -2.69 1.40 -29.54
N VAL C 25 -3.90 1.87 -29.87
CA VAL C 25 -4.98 2.02 -28.93
C VAL C 25 -6.13 1.10 -29.35
N PHE C 26 -6.68 0.40 -28.36
CA PHE C 26 -7.77 -0.58 -28.53
C PHE C 26 -9.05 -0.10 -27.82
N ILE C 27 -10.17 -0.12 -28.54
CA ILE C 27 -11.49 0.21 -27.99
C ILE C 27 -12.38 -1.02 -28.23
N GLU C 28 -12.87 -1.60 -27.16
CA GLU C 28 -13.79 -2.72 -27.24
C GLU C 28 -15.19 -2.30 -26.80
N VAL C 29 -16.09 -2.25 -27.76
CA VAL C 29 -17.43 -1.78 -27.51
C VAL C 29 -18.41 -2.92 -27.56
N GLN C 30 -19.11 -3.18 -26.46
CA GLN C 30 -20.17 -4.21 -26.45
C GLN C 30 -21.40 -3.75 -27.24
N VAL C 31 -21.92 -4.64 -28.07
CA VAL C 31 -23.10 -4.28 -28.86
C VAL C 31 -24.13 -5.38 -28.67
N PRO C 32 -25.40 -5.07 -28.94
CA PRO C 32 -26.41 -6.12 -28.83
C PRO C 32 -26.07 -7.34 -29.71
N PRO C 33 -26.47 -8.55 -29.26
CA PRO C 33 -26.01 -9.78 -29.94
C PRO C 33 -26.50 -9.96 -31.40
N GLY C 34 -27.58 -9.28 -31.78
CA GLY C 34 -28.08 -9.32 -33.16
C GLY C 34 -27.50 -8.27 -34.10
N THR C 35 -26.50 -7.50 -33.64
CA THR C 35 -25.88 -6.46 -34.44
C THR C 35 -25.20 -7.14 -35.61
N ARG C 36 -25.37 -6.54 -36.79
CA ARG C 36 -24.75 -6.97 -38.05
C ARG C 36 -23.81 -5.87 -38.54
N ALA C 37 -22.84 -6.20 -39.38
CA ALA C 37 -21.88 -5.19 -39.86
C ALA C 37 -22.63 -4.02 -40.54
N GLN C 38 -23.73 -4.35 -41.22
CA GLN C 38 -24.52 -3.34 -41.88
C GLN C 38 -25.15 -2.34 -40.92
N ASP C 39 -25.19 -2.67 -39.62
CA ASP C 39 -25.75 -1.76 -38.63
C ASP C 39 -24.73 -0.75 -38.07
N ILE C 40 -23.47 -0.87 -38.48
CA ILE C 40 -22.38 -0.09 -37.88
C ILE C 40 -22.03 1.15 -38.71
N GLN C 41 -22.06 2.33 -38.10
CA GLN C 41 -21.50 3.54 -38.74
C GLN C 41 -20.29 3.91 -37.89
N CYS C 42 -19.11 3.91 -38.48
CA CYS C 42 -17.92 4.18 -37.71
C CYS C 42 -16.93 4.98 -38.51
N GLY C 43 -16.60 6.16 -37.98
CA GLY C 43 -15.65 7.07 -38.60
C GLY C 43 -14.42 7.18 -37.74
N LEU C 44 -13.27 6.93 -38.34
CA LEU C 44 -11.95 6.93 -37.66
C LEU C 44 -11.05 7.96 -38.33
N GLN C 45 -10.92 9.15 -37.74
CA GLN C 45 -10.05 10.18 -38.27
C GLN C 45 -8.83 10.24 -37.38
N SER C 46 -7.80 11.01 -37.77
CA SER C 46 -6.56 11.12 -36.97
C SER C 46 -6.78 11.57 -35.53
N ARG C 47 -7.69 12.51 -35.30
CA ARG C 47 -7.98 13.03 -33.97
C ARG C 47 -9.47 12.97 -33.54
N HIS C 48 -10.23 12.07 -34.16
CA HIS C 48 -11.62 11.97 -33.84
C HIS C 48 -12.13 10.60 -34.20
N VAL C 49 -13.07 10.13 -33.40
CA VAL C 49 -13.72 8.87 -33.60
C VAL C 49 -15.17 9.03 -33.30
N ALA C 50 -15.98 8.26 -34.03
CA ALA C 50 -17.45 8.21 -33.86
C ALA C 50 -17.91 6.79 -34.15
N LEU C 51 -18.80 6.27 -33.32
CA LEU C 51 -19.43 4.97 -33.53
C LEU C 51 -20.88 5.08 -33.14
N ALA C 52 -21.75 4.78 -34.10
CA ALA C 52 -23.20 4.60 -33.88
C ALA C 52 -23.55 3.19 -34.34
N VAL C 53 -24.46 2.54 -33.61
CA VAL C 53 -24.95 1.20 -33.95
C VAL C 53 -26.48 1.27 -34.07
N GLY C 54 -27.00 0.80 -35.19
CA GLY C 54 -28.44 0.85 -35.40
C GLY C 54 -28.91 2.29 -35.18
N GLY C 55 -28.13 3.26 -35.65
CA GLY C 55 -28.50 4.66 -35.53
C GLY C 55 -28.33 5.30 -34.15
N ARG C 56 -27.91 4.50 -33.15
CA ARG C 56 -27.69 4.96 -31.78
C ARG C 56 -26.20 5.28 -31.57
N GLU C 57 -25.90 6.54 -31.26
CA GLU C 57 -24.52 6.97 -31.02
C GLU C 57 -24.01 6.38 -29.72
N ILE C 58 -22.90 5.64 -29.80
CA ILE C 58 -22.32 5.01 -28.63
C ILE C 58 -21.09 5.77 -28.14
N LEU C 59 -20.17 6.11 -29.03
CA LEU C 59 -19.04 6.93 -28.63
C LEU C 59 -18.70 7.92 -29.72
N LYS C 60 -18.26 9.11 -29.32
CA LYS C 60 -18.03 10.22 -30.24
C LYS C 60 -17.21 11.28 -29.52
N GLY C 61 -16.08 11.66 -30.11
CA GLY C 61 -15.30 12.71 -29.54
C GLY C 61 -13.93 12.81 -30.13
N LYS C 62 -13.22 13.82 -29.65
CA LYS C 62 -11.85 14.04 -30.05
C LYS C 62 -10.96 13.09 -29.31
N LEU C 63 -10.03 12.43 -30.01
CA LEU C 63 -9.12 11.49 -29.36
C LEU C 63 -8.13 12.23 -28.46
N PHE C 64 -7.67 11.56 -27.41
CA PHE C 64 -6.68 12.14 -26.50
C PHE C 64 -5.43 12.67 -27.24
N ASP C 65 -5.01 11.96 -28.28
CA ASP C 65 -3.87 12.32 -29.09
C ASP C 65 -4.03 11.68 -30.51
N SER C 66 -3.09 11.98 -31.39
CA SER C 66 -3.27 11.71 -32.80
C SER C 66 -2.91 10.28 -33.17
N THR C 67 -3.56 9.80 -34.24
CA THR C 67 -3.38 8.44 -34.74
C THR C 67 -3.20 8.54 -36.25
N ILE C 68 -2.69 7.48 -36.85
CA ILE C 68 -2.50 7.42 -38.29
C ILE C 68 -3.85 6.98 -38.89
N ALA C 69 -4.64 7.97 -39.34
CA ALA C 69 -6.06 7.76 -39.77
C ALA C 69 -6.31 6.54 -40.69
N ASP C 70 -5.41 6.30 -41.62
CA ASP C 70 -5.57 5.26 -42.64
C ASP C 70 -5.24 3.86 -42.18
N GLU C 71 -4.61 3.73 -41.01
CA GLU C 71 -4.30 2.40 -40.44
C GLU C 71 -5.39 1.95 -39.48
N GLY C 72 -6.33 2.83 -39.19
CA GLY C 72 -7.42 2.54 -38.27
C GLY C 72 -8.37 1.49 -38.76
N THR C 73 -8.75 0.60 -37.87
CA THR C 73 -9.64 -0.50 -38.23
C THR C 73 -10.77 -0.71 -37.23
N TRP C 74 -11.90 -1.18 -37.71
CA TRP C 74 -12.94 -1.63 -36.85
C TRP C 74 -13.43 -2.91 -37.40
N THR C 75 -13.73 -3.83 -36.49
CA THR C 75 -14.31 -5.12 -36.85
C THR C 75 -15.43 -5.46 -35.87
N LEU C 76 -16.46 -6.15 -36.35
CA LEU C 76 -17.51 -6.66 -35.50
C LEU C 76 -17.16 -8.11 -35.21
N GLU C 77 -17.02 -8.44 -33.92
CA GLU C 77 -16.61 -9.77 -33.46
C GLU C 77 -17.70 -10.46 -32.64
N ASP C 78 -17.97 -11.74 -32.93
CA ASP C 78 -18.78 -12.61 -32.05
C ASP C 78 -17.89 -13.08 -30.89
N ARG C 79 -18.27 -12.78 -29.66
CA ARG C 79 -17.45 -13.10 -28.51
C ARG C 79 -18.25 -13.85 -27.44
N LYS C 80 -19.13 -14.75 -27.82
CA LYS C 80 -19.83 -15.50 -26.79
C LYS C 80 -18.80 -16.14 -25.85
N MSE C 81 -19.10 -16.17 -24.55
CA MSE C 81 -18.19 -16.82 -23.61
C MSE C 81 -18.89 -17.41 -22.40
O MSE C 81 -19.97 -16.95 -21.98
CB MSE C 81 -17.19 -15.80 -23.08
CG MSE C 81 -17.83 -14.78 -22.14
SE MSE C 81 -16.61 -13.60 -21.17
CE MSE C 81 -17.93 -12.47 -20.36
N VAL C 82 -18.20 -18.40 -21.82
CA VAL C 82 -18.55 -18.93 -20.51
C VAL C 82 -17.67 -18.20 -19.52
N ARG C 83 -18.26 -17.46 -18.58
CA ARG C 83 -17.51 -16.79 -17.58
C ARG C 83 -17.67 -17.54 -16.26
N ILE C 84 -16.55 -17.93 -15.66
CA ILE C 84 -16.53 -18.69 -14.40
C ILE C 84 -15.93 -17.81 -13.34
N VAL C 85 -16.67 -17.59 -12.24
CA VAL C 85 -16.19 -16.84 -11.10
C VAL C 85 -16.09 -17.71 -9.88
N LEU C 86 -14.84 -17.85 -9.39
CA LEU C 86 -14.52 -18.69 -8.25
C LEU C 86 -14.14 -17.81 -7.07
N THR C 87 -14.51 -18.23 -5.84
CA THR C 87 -14.16 -17.50 -4.61
C THR C 87 -12.98 -18.19 -3.92
N LYS C 88 -11.90 -17.44 -3.70
CA LYS C 88 -10.70 -17.98 -3.09
C LYS C 88 -10.95 -18.35 -1.63
N THR C 89 -10.44 -19.51 -1.17
CA THR C 89 -10.51 -19.84 0.24
C THR C 89 -9.69 -18.81 1.02
N LYS C 90 -8.47 -18.56 0.54
CA LYS C 90 -7.52 -17.64 1.17
C LYS C 90 -7.43 -16.36 0.32
N ARG C 91 -7.77 -15.24 0.94
CA ARG C 91 -8.01 -13.97 0.25
C ARG C 91 -7.06 -12.77 0.61
N ASP C 92 -5.83 -13.08 0.97
CA ASP C 92 -4.81 -12.06 1.28
C ASP C 92 -4.06 -11.68 0.00
N ALA C 93 -3.46 -10.47 -0.03
CA ALA C 93 -2.60 -10.05 -1.15
C ALA C 93 -1.44 -11.09 -1.32
N ALA C 94 -1.07 -11.79 -0.24
CA ALA C 94 -0.09 -12.87 -0.32
C ALA C 94 -0.65 -14.15 -0.99
N ASN C 95 -1.96 -14.16 -1.31
CA ASN C 95 -2.59 -15.29 -2.02
C ASN C 95 -2.82 -14.94 -3.48
N CYS C 96 -1.78 -14.41 -4.09
CA CYS C 96 -1.81 -14.07 -5.48
C CYS C 96 -1.49 -15.36 -6.23
N TRP C 97 -2.42 -15.83 -7.07
CA TRP C 97 -2.20 -17.07 -7.84
C TRP C 97 -1.23 -16.84 -8.99
N THR C 98 -0.27 -17.75 -9.19
CA THR C 98 0.74 -17.52 -10.20
C THR C 98 0.44 -18.28 -11.47
N SER C 99 -0.55 -19.17 -11.35
CA SER C 99 -1.10 -19.90 -12.48
CA SER C 99 -1.11 -19.87 -12.50
C SER C 99 -2.57 -20.16 -12.19
N LEU C 100 -3.34 -20.44 -13.22
CA LEU C 100 -4.74 -20.78 -13.00
C LEU C 100 -4.81 -22.18 -12.41
N LEU C 101 -4.14 -23.12 -13.06
CA LEU C 101 -4.16 -24.50 -12.60
C LEU C 101 -2.77 -24.83 -12.05
N GLU C 102 -2.72 -25.85 -11.20
CA GLU C 102 -1.48 -26.31 -10.62
C GLU C 102 -0.36 -26.36 -11.67
N SER C 103 -0.65 -26.88 -12.86
CA SER C 103 0.39 -27.12 -13.88
C SER C 103 0.05 -26.63 -15.30
N GLU C 104 -0.68 -25.54 -15.40
CA GLU C 104 -1.08 -25.06 -16.72
C GLU C 104 -1.57 -23.63 -16.55
N TYR C 105 -1.43 -22.84 -17.60
CA TYR C 105 -1.87 -21.44 -17.63
C TYR C 105 -1.16 -20.58 -16.58
N ALA C 106 0.16 -20.64 -16.64
CA ALA C 106 1.03 -19.91 -15.76
C ALA C 106 1.17 -18.50 -16.31
N ALA C 107 1.22 -17.52 -15.44
CA ALA C 107 1.52 -16.16 -15.85
C ALA C 107 3.06 -16.02 -15.88
N ASP C 108 3.58 -15.30 -16.87
CA ASP C 108 5.03 -15.03 -16.89
C ASP C 108 5.33 -14.08 -15.74
N PRO C 109 6.61 -13.97 -15.34
CA PRO C 109 7.00 -13.18 -14.16
C PRO C 109 6.57 -11.73 -14.14
N TRP C 110 6.53 -11.10 -15.30
CA TRP C 110 6.10 -9.69 -15.36
C TRP C 110 4.61 -9.54 -15.14
N VAL C 111 3.81 -10.40 -15.78
CA VAL C 111 2.37 -10.48 -15.54
C VAL C 111 2.14 -10.86 -14.07
N GLN C 112 2.89 -11.81 -13.53
CA GLN C 112 2.77 -12.09 -12.08
C GLN C 112 2.99 -10.81 -11.25
N ASP C 113 3.99 -10.02 -11.60
CA ASP C 113 4.26 -8.77 -10.85
C ASP C 113 3.11 -7.78 -10.97
N GLN C 114 2.54 -7.63 -12.16
CA GLN C 114 1.35 -6.78 -12.35
C GLN C 114 0.18 -7.20 -11.50
N MSE C 115 -0.11 -8.50 -11.51
CA MSE C 115 -1.22 -9.06 -10.72
C MSE C 115 -1.00 -8.82 -9.26
O MSE C 115 -1.91 -8.39 -8.54
CB MSE C 115 -1.41 -10.57 -11.00
CG MSE C 115 -1.90 -10.85 -12.40
SE MSE C 115 -2.00 -12.85 -12.74
CE MSE C 115 -3.19 -12.77 -14.19
N GLN C 116 0.22 -9.04 -8.79
CA GLN C 116 0.52 -8.83 -7.39
C GLN C 116 0.36 -7.34 -7.03
N ARG C 117 0.86 -6.45 -7.87
CA ARG C 117 0.77 -5.03 -7.57
C ARG C 117 -0.66 -4.59 -7.39
N LYS C 118 -1.55 -5.11 -8.24
CA LYS C 118 -2.98 -4.82 -8.16
C LYS C 118 -3.62 -5.36 -6.89
N LEU C 119 -3.32 -6.59 -6.52
CA LEU C 119 -3.80 -7.14 -5.26
C LEU C 119 -3.35 -6.28 -4.05
N THR C 120 -2.08 -5.89 -4.09
CA THR C 120 -1.49 -5.07 -3.04
C THR C 120 -2.21 -3.78 -2.94
N LEU C 121 -2.49 -3.17 -4.07
CA LEU C 121 -3.30 -1.92 -4.09
C LEU C 121 -4.72 -2.11 -3.59
N GLU C 122 -5.36 -3.21 -4.01
CA GLU C 122 -6.73 -3.51 -3.55
CA GLU C 122 -6.73 -3.50 -3.55
C GLU C 122 -6.75 -3.61 -2.03
N ARG C 123 -5.75 -4.31 -1.50
CA ARG C 123 -5.62 -4.50 -0.05
C ARG C 123 -5.28 -3.20 0.66
N PHE C 124 -4.38 -2.43 0.10
CA PHE C 124 -4.06 -1.12 0.67
C PHE C 124 -5.32 -0.24 0.76
N GLN C 125 -6.11 -0.23 -0.28
CA GLN C 125 -7.36 0.52 -0.29
C GLN C 125 -8.33 0.00 0.74
N LYS C 126 -8.51 -1.30 0.80
CA LYS C 126 -9.40 -1.93 1.78
C LYS C 126 -9.02 -1.61 3.23
N GLU C 127 -7.72 -1.56 3.51
CA GLU C 127 -7.24 -1.31 4.87
C GLU C 127 -7.23 0.18 5.21
N ASN C 128 -7.34 1.03 4.21
CA ASN C 128 -7.31 2.49 4.41
C ASN C 128 -8.52 3.15 3.72
N PRO C 129 -9.74 2.81 4.15
CA PRO C 129 -10.91 3.31 3.46
C PRO C 129 -11.09 4.83 3.45
N GLY C 130 -10.42 5.53 4.36
CA GLY C 130 -10.48 6.99 4.42
C GLY C 130 -9.81 7.76 3.30
N PHE C 131 -8.83 7.16 2.63
CA PHE C 131 -8.08 7.84 1.58
C PHE C 131 -8.76 7.74 0.20
N ASP C 132 -8.63 8.82 -0.60
CA ASP C 132 -9.21 8.89 -1.95
C ASP C 132 -8.14 8.51 -2.98
N PHE C 133 -8.38 7.39 -3.68
CA PHE C 133 -7.46 6.86 -4.70
C PHE C 133 -8.11 6.93 -6.09
N GLU D 3 -16.32 -1.36 -15.71
CA GLU D 3 -15.97 -0.21 -14.82
C GLU D 3 -15.36 -0.68 -13.48
N GLU D 4 -15.73 -1.91 -13.11
CA GLU D 4 -15.02 -2.65 -12.08
C GLU D 4 -13.83 -3.33 -12.81
N ARG D 5 -13.94 -3.45 -14.14
CA ARG D 5 -12.88 -3.95 -15.04
C ARG D 5 -11.55 -3.18 -14.96
N SER D 6 -11.62 -1.88 -14.67
CA SER D 6 -10.43 -1.04 -14.69
C SER D 6 -9.31 -1.64 -13.88
N GLY D 7 -8.15 -1.73 -14.47
CA GLY D 7 -7.00 -2.17 -13.76
C GLY D 7 -6.83 -3.67 -13.57
N VAL D 8 -7.74 -4.49 -14.08
CA VAL D 8 -7.56 -5.92 -13.90
C VAL D 8 -6.61 -6.39 -14.96
N VAL D 9 -5.72 -7.30 -14.58
CA VAL D 9 -4.63 -7.71 -15.41
C VAL D 9 -4.81 -9.14 -15.77
N PRO D 10 -5.03 -9.43 -17.05
CA PRO D 10 -5.30 -10.77 -17.44
C PRO D 10 -4.07 -11.53 -17.86
N CYS D 11 -4.18 -12.85 -17.78
CA CYS D 11 -3.23 -13.78 -18.35
C CYS D 11 -3.98 -14.48 -19.49
N GLY D 12 -3.45 -14.37 -20.70
CA GLY D 12 -4.10 -14.90 -21.88
C GLY D 12 -3.86 -16.38 -21.96
N THR D 13 -4.82 -17.09 -22.51
CA THR D 13 -4.70 -18.52 -22.73
C THR D 13 -5.17 -18.82 -24.15
N PRO D 14 -4.98 -20.06 -24.60
CA PRO D 14 -5.47 -20.37 -25.97
C PRO D 14 -6.98 -20.28 -26.19
N TRP D 15 -7.80 -20.33 -25.12
CA TRP D 15 -9.28 -20.23 -25.22
C TRP D 15 -9.87 -18.94 -24.64
N GLY D 16 -9.03 -18.08 -24.10
CA GLY D 16 -9.50 -16.81 -23.53
C GLY D 16 -8.49 -16.25 -22.56
N GLN D 17 -8.92 -16.00 -21.33
CA GLN D 17 -8.06 -15.45 -20.32
C GLN D 17 -8.58 -15.64 -18.91
N TRP D 18 -7.71 -15.48 -17.95
CA TRP D 18 -8.06 -15.50 -16.56
C TRP D 18 -7.41 -14.32 -15.84
N TYR D 19 -8.04 -13.91 -14.75
CA TYR D 19 -7.56 -12.85 -13.89
C TYR D 19 -8.11 -13.05 -12.50
N GLN D 20 -7.70 -12.20 -11.57
CA GLN D 20 -8.04 -12.36 -10.17
C GLN D 20 -8.11 -11.02 -9.46
N THR D 21 -8.83 -11.04 -8.33
CA THR D 21 -8.91 -9.97 -7.39
C THR D 21 -8.50 -10.60 -6.05
N LEU D 22 -8.61 -9.86 -4.97
CA LEU D 22 -8.26 -10.37 -3.65
C LEU D 22 -9.11 -11.54 -3.30
N GLU D 23 -10.37 -11.47 -3.72
CA GLU D 23 -11.35 -12.45 -3.31
C GLU D 23 -11.72 -13.52 -4.31
N GLU D 24 -11.61 -13.20 -5.61
CA GLU D 24 -12.09 -14.12 -6.65
C GLU D 24 -11.08 -14.40 -7.74
N VAL D 25 -11.33 -15.50 -8.44
CA VAL D 25 -10.63 -15.81 -9.68
C VAL D 25 -11.68 -15.81 -10.79
N PHE D 26 -11.34 -15.22 -11.93
CA PHE D 26 -12.21 -15.17 -13.11
C PHE D 26 -11.58 -15.92 -14.28
N ILE D 27 -12.39 -16.75 -14.94
CA ILE D 27 -11.99 -17.49 -16.15
C ILE D 27 -12.98 -17.12 -17.24
N GLU D 28 -12.51 -16.58 -18.33
CA GLU D 28 -13.35 -16.23 -19.46
C GLU D 28 -12.97 -17.07 -20.67
N VAL D 29 -13.87 -17.96 -21.07
CA VAL D 29 -13.63 -18.93 -22.11
C VAL D 29 -14.44 -18.62 -23.35
N GLN D 30 -13.78 -18.31 -24.45
CA GLN D 30 -14.49 -18.03 -25.70
CA GLN D 30 -14.50 -18.03 -25.69
C GLN D 30 -15.14 -19.31 -26.17
N VAL D 31 -16.40 -19.22 -26.62
CA VAL D 31 -17.09 -20.40 -27.16
C VAL D 31 -17.71 -20.01 -28.50
N PRO D 32 -18.02 -21.00 -29.33
CA PRO D 32 -18.66 -20.68 -30.61
C PRO D 32 -19.96 -19.90 -30.44
N PRO D 33 -20.30 -19.05 -31.42
CA PRO D 33 -21.42 -18.14 -31.20
C PRO D 33 -22.78 -18.83 -31.11
N GLY D 34 -22.88 -20.06 -31.59
CA GLY D 34 -24.12 -20.82 -31.52
C GLY D 34 -24.29 -21.60 -30.22
N THR D 35 -23.36 -21.46 -29.30
CA THR D 35 -23.37 -22.20 -28.03
C THR D 35 -24.58 -21.77 -27.21
N ARG D 36 -25.25 -22.77 -26.64
CA ARG D 36 -26.41 -22.61 -25.79
C ARG D 36 -26.08 -23.14 -24.39
N ALA D 37 -26.78 -22.67 -23.36
CA ALA D 37 -26.53 -23.12 -22.00
C ALA D 37 -26.60 -24.65 -21.91
N GLN D 38 -27.51 -25.24 -22.69
CA GLN D 38 -27.67 -26.69 -22.73
C GLN D 38 -26.47 -27.43 -23.27
N ASP D 39 -25.56 -26.74 -23.95
CA ASP D 39 -24.32 -27.36 -24.45
C ASP D 39 -23.15 -27.40 -23.45
N ILE D 40 -23.32 -26.73 -22.32
CA ILE D 40 -22.26 -26.60 -21.31
C ILE D 40 -22.29 -27.68 -20.23
N GLN D 41 -21.15 -28.29 -19.97
CA GLN D 41 -20.94 -29.18 -18.81
C GLN D 41 -19.78 -28.56 -18.06
N CYS D 42 -20.05 -28.10 -16.84
CA CYS D 42 -19.05 -27.40 -16.08
C CYS D 42 -19.14 -27.85 -14.66
N GLY D 43 -18.03 -28.43 -14.17
CA GLY D 43 -17.90 -28.90 -12.79
C GLY D 43 -16.91 -28.03 -12.05
N LEU D 44 -17.39 -27.32 -11.00
CA LEU D 44 -16.60 -26.45 -10.14
C LEU D 44 -16.48 -27.04 -8.72
N GLN D 45 -15.33 -27.60 -8.39
CA GLN D 45 -15.10 -28.13 -7.05
C GLN D 45 -14.10 -27.21 -6.35
N SER D 46 -13.78 -27.50 -5.09
CA SER D 46 -12.87 -26.64 -4.33
C SER D 46 -11.49 -26.55 -4.97
N ARG D 47 -10.95 -27.67 -5.46
CA ARG D 47 -9.61 -27.70 -6.01
C ARG D 47 -9.56 -28.29 -7.44
N HIS D 48 -10.67 -28.18 -8.16
CA HIS D 48 -10.69 -28.67 -9.48
C HIS D 48 -11.79 -28.00 -10.28
N VAL D 49 -11.52 -27.86 -11.57
CA VAL D 49 -12.46 -27.39 -12.54
C VAL D 49 -12.39 -28.18 -13.81
N ALA D 50 -13.55 -28.28 -14.46
CA ALA D 50 -13.73 -28.94 -15.76
C ALA D 50 -14.79 -28.17 -16.54
N LEU D 51 -14.55 -27.96 -17.81
CA LEU D 51 -15.49 -27.30 -18.71
C LEU D 51 -15.43 -27.98 -20.05
N ALA D 52 -16.57 -28.51 -20.52
CA ALA D 52 -16.67 -29.04 -21.87
C ALA D 52 -17.86 -28.36 -22.51
N VAL D 53 -17.74 -28.09 -23.81
CA VAL D 53 -18.81 -27.45 -24.60
C VAL D 53 -19.11 -28.37 -25.80
N GLY D 54 -20.39 -28.68 -26.02
CA GLY D 54 -20.73 -29.62 -27.08
C GLY D 54 -19.93 -30.91 -26.95
N GLY D 55 -19.69 -31.34 -25.72
CA GLY D 55 -18.94 -32.58 -25.48
C GLY D 55 -17.42 -32.46 -25.68
N ARG D 56 -16.95 -31.27 -26.05
CA ARG D 56 -15.55 -31.00 -26.28
C ARG D 56 -14.94 -30.34 -25.05
N GLU D 57 -13.94 -31.03 -24.48
CA GLU D 57 -13.21 -30.57 -23.31
C GLU D 57 -12.31 -29.38 -23.63
N ILE D 58 -12.60 -28.26 -22.98
CA ILE D 58 -11.87 -27.03 -23.18
C ILE D 58 -10.85 -26.84 -22.07
N LEU D 59 -11.21 -27.12 -20.84
CA LEU D 59 -10.36 -26.84 -19.70
C LEU D 59 -10.68 -27.84 -18.63
N LYS D 60 -9.63 -28.35 -17.97
CA LYS D 60 -9.79 -29.38 -16.97
C LYS D 60 -8.52 -29.47 -16.15
N GLY D 61 -8.64 -29.38 -14.84
CA GLY D 61 -7.48 -29.60 -14.01
C GLY D 61 -7.63 -29.17 -12.60
N LYS D 62 -6.58 -29.41 -11.83
CA LYS D 62 -6.53 -29.02 -10.48
C LYS D 62 -6.24 -27.52 -10.41
N LEU D 63 -7.00 -26.78 -9.61
CA LEU D 63 -6.75 -25.36 -9.41
C LEU D 63 -5.47 -25.08 -8.69
N PHE D 64 -4.88 -23.94 -8.98
CA PHE D 64 -3.67 -23.52 -8.32
C PHE D 64 -3.79 -23.54 -6.81
N ASP D 65 -4.96 -23.21 -6.28
CA ASP D 65 -5.17 -23.22 -4.84
C ASP D 65 -6.69 -23.38 -4.62
N SER D 66 -7.13 -23.43 -3.36
CA SER D 66 -8.49 -23.77 -3.05
C SER D 66 -9.50 -22.59 -3.10
N THR D 67 -10.75 -22.97 -3.37
CA THR D 67 -11.86 -22.05 -3.54
C THR D 67 -13.06 -22.57 -2.75
N ILE D 68 -13.99 -21.70 -2.43
CA ILE D 68 -15.23 -22.10 -1.74
C ILE D 68 -16.19 -22.68 -2.78
N ALA D 69 -16.20 -24.00 -2.91
CA ALA D 69 -16.90 -24.72 -3.99
C ALA D 69 -18.34 -24.28 -4.30
N ASP D 70 -19.14 -24.06 -3.26
CA ASP D 70 -20.54 -23.75 -3.45
CA ASP D 70 -20.54 -23.75 -3.47
C ASP D 70 -20.79 -22.28 -3.81
N GLU D 71 -19.74 -21.46 -3.81
CA GLU D 71 -19.90 -20.06 -4.21
C GLU D 71 -19.54 -19.88 -5.66
N GLY D 72 -19.00 -20.94 -6.26
CA GLY D 72 -18.54 -20.93 -7.66
C GLY D 72 -19.67 -20.80 -8.62
N THR D 73 -19.46 -20.03 -9.66
CA THR D 73 -20.51 -19.79 -10.64
C THR D 73 -20.00 -19.83 -12.08
N TRP D 74 -20.87 -20.17 -13.01
CA TRP D 74 -20.59 -20.06 -14.42
C TRP D 74 -21.81 -19.52 -15.10
N THR D 75 -21.57 -18.72 -16.13
CA THR D 75 -22.60 -18.08 -16.92
CA THR D 75 -22.64 -18.15 -16.94
C THR D 75 -22.17 -18.06 -18.38
N LEU D 76 -23.12 -18.22 -19.30
CA LEU D 76 -22.88 -18.11 -20.73
C LEU D 76 -23.35 -16.71 -21.09
N GLU D 77 -22.44 -15.86 -21.57
CA GLU D 77 -22.73 -14.47 -21.90
C GLU D 77 -22.61 -14.21 -23.40
N ASP D 78 -23.57 -13.48 -23.98
CA ASP D 78 -23.41 -12.98 -25.36
C ASP D 78 -22.50 -11.76 -25.30
N ARG D 79 -21.48 -11.72 -26.11
CA ARG D 79 -20.49 -10.67 -25.92
C ARG D 79 -20.06 -10.13 -27.28
N LYS D 80 -21.02 -9.83 -28.13
CA LYS D 80 -20.69 -9.31 -29.43
C LYS D 80 -20.04 -7.94 -29.22
N MSE D 81 -18.99 -7.65 -29.98
CA MSE D 81 -18.36 -6.34 -29.86
C MSE D 81 -17.86 -5.76 -31.18
O MSE D 81 -17.51 -6.49 -32.11
CB MSE D 81 -17.17 -6.40 -28.89
CG MSE D 81 -16.04 -7.26 -29.40
SE MSE D 81 -14.34 -7.13 -28.43
CE MSE D 81 -13.30 -8.28 -29.51
N VAL D 82 -17.78 -4.43 -31.19
CA VAL D 82 -17.02 -3.74 -32.20
C VAL D 82 -15.65 -3.46 -31.57
N ARG D 83 -14.59 -3.96 -32.19
CA ARG D 83 -13.25 -3.72 -31.74
C ARG D 83 -12.57 -2.75 -32.68
N ILE D 84 -12.17 -1.59 -32.13
CA ILE D 84 -11.49 -0.54 -32.88
C ILE D 84 -10.02 -0.57 -32.51
N VAL D 85 -9.13 -0.75 -33.49
CA VAL D 85 -7.68 -0.68 -33.24
C VAL D 85 -7.09 0.50 -34.00
N LEU D 86 -6.54 1.47 -33.26
CA LEU D 86 -5.92 2.68 -33.81
C LEU D 86 -4.39 2.65 -33.65
N THR D 87 -3.67 3.20 -34.62
CA THR D 87 -2.20 3.35 -34.54
C THR D 87 -1.84 4.77 -34.09
N LYS D 88 -1.13 4.86 -32.96
CA LYS D 88 -0.69 6.17 -32.44
C LYS D 88 0.31 6.83 -33.38
N THR D 89 0.20 8.14 -33.59
CA THR D 89 1.20 8.89 -34.35
C THR D 89 2.54 8.83 -33.58
N LYS D 90 2.46 9.08 -32.27
CA LYS D 90 3.62 9.09 -31.38
C LYS D 90 3.58 7.83 -30.49
N ARG D 91 4.64 7.02 -30.59
CA ARG D 91 4.70 5.67 -30.03
C ARG D 91 5.79 5.40 -28.96
N ASP D 92 6.15 6.43 -28.21
CA ASP D 92 7.13 6.30 -27.13
C ASP D 92 6.41 5.92 -25.83
N ALA D 93 7.13 5.31 -24.88
CA ALA D 93 6.56 5.01 -23.55
C ALA D 93 6.05 6.32 -22.92
N ALA D 94 6.67 7.45 -23.29
CA ALA D 94 6.19 8.76 -22.86
C ALA D 94 4.83 9.11 -23.48
N ASN D 95 4.40 8.38 -24.50
CA ASN D 95 3.10 8.62 -25.10
C ASN D 95 2.07 7.62 -24.59
N CYS D 96 1.95 7.59 -23.27
CA CYS D 96 0.92 6.84 -22.60
C CYS D 96 -0.30 7.75 -22.51
N TRP D 97 -1.39 7.37 -23.16
CA TRP D 97 -2.65 8.13 -23.07
C TRP D 97 -3.29 7.97 -21.68
N THR D 98 -3.71 9.08 -21.08
CA THR D 98 -4.34 9.04 -19.75
C THR D 98 -5.88 9.06 -19.82
N SER D 99 -6.38 9.19 -21.04
CA SER D 99 -7.78 9.14 -21.34
C SER D 99 -7.93 8.62 -22.77
N LEU D 100 -9.11 8.12 -23.11
CA LEU D 100 -9.37 7.73 -24.50
C LEU D 100 -9.65 8.96 -25.33
N LEU D 101 -10.53 9.80 -24.82
CA LEU D 101 -10.86 11.03 -25.52
C LEU D 101 -10.33 12.19 -24.71
N GLU D 102 -10.22 13.33 -25.37
CA GLU D 102 -9.73 14.55 -24.73
C GLU D 102 -10.44 14.83 -23.39
N SER D 103 -11.76 14.66 -23.33
CA SER D 103 -12.52 15.04 -22.15
C SER D 103 -13.43 13.94 -21.61
N GLU D 104 -13.07 12.68 -21.87
CA GLU D 104 -13.94 11.59 -21.46
C GLU D 104 -13.17 10.28 -21.42
N TYR D 105 -13.61 9.38 -20.56
CA TYR D 105 -13.02 8.03 -20.40
C TYR D 105 -11.58 8.11 -19.91
N ALA D 106 -11.44 8.81 -18.79
CA ALA D 106 -10.16 9.02 -18.17
C ALA D 106 -9.85 7.80 -17.32
N ALA D 107 -8.59 7.40 -17.28
CA ALA D 107 -8.15 6.34 -16.35
C ALA D 107 -7.88 7.02 -15.00
N ASP D 108 -8.23 6.37 -13.88
CA ASP D 108 -7.82 6.96 -12.58
C ASP D 108 -6.29 6.83 -12.43
N PRO D 109 -5.71 7.57 -11.49
CA PRO D 109 -4.23 7.62 -11.38
C PRO D 109 -3.51 6.27 -11.19
N TRP D 110 -4.14 5.33 -10.52
CA TRP D 110 -3.55 4.00 -10.35
C TRP D 110 -3.54 3.17 -11.60
N VAL D 111 -4.66 3.21 -12.34
CA VAL D 111 -4.75 2.56 -13.65
C VAL D 111 -3.77 3.22 -14.60
N GLN D 112 -3.68 4.53 -14.57
CA GLN D 112 -2.64 5.24 -15.35
C GLN D 112 -1.25 4.71 -15.03
N ASP D 113 -0.94 4.51 -13.77
CA ASP D 113 0.38 4.00 -13.38
C ASP D 113 0.58 2.57 -13.90
N GLN D 114 -0.47 1.76 -13.81
CA GLN D 114 -0.39 0.41 -14.37
C GLN D 114 -0.13 0.45 -15.87
N MSE D 115 -0.87 1.29 -16.59
CA MSE D 115 -0.71 1.39 -18.06
C MSE D 115 0.68 1.84 -18.43
O MSE D 115 1.32 1.26 -19.33
CB MSE D 115 -1.74 2.33 -18.68
CG MSE D 115 -3.17 1.77 -18.70
SE MSE D 115 -4.41 3.11 -19.37
CE MSE D 115 -5.87 2.07 -19.62
N GLN D 116 1.19 2.86 -17.74
CA GLN D 116 2.55 3.35 -17.96
C GLN D 116 3.62 2.28 -17.71
N ARG D 117 3.49 1.56 -16.60
CA ARG D 117 4.46 0.52 -16.29
C ARG D 117 4.54 -0.51 -17.38
N LYS D 118 3.40 -0.87 -17.96
CA LYS D 118 3.36 -1.87 -19.02
C LYS D 118 4.05 -1.36 -20.26
N LEU D 119 3.79 -0.10 -20.62
CA LEU D 119 4.46 0.55 -21.75
C LEU D 119 5.97 0.63 -21.54
N THR D 120 6.38 0.93 -20.31
CA THR D 120 7.78 1.01 -19.97
C THR D 120 8.45 -0.34 -20.16
N LEU D 121 7.78 -1.39 -19.75
CA LEU D 121 8.28 -2.74 -19.92
C LEU D 121 8.33 -3.14 -21.38
N GLU D 122 7.31 -2.74 -22.13
CA GLU D 122 7.25 -3.04 -23.56
CA GLU D 122 7.24 -3.05 -23.58
C GLU D 122 8.48 -2.46 -24.24
N ARG D 123 8.77 -1.23 -23.89
CA ARG D 123 9.86 -0.50 -24.45
C ARG D 123 11.19 -1.07 -23.99
N PHE D 124 11.26 -1.40 -22.71
CA PHE D 124 12.47 -2.00 -22.16
C PHE D 124 12.83 -3.29 -22.92
N GLN D 125 11.82 -4.12 -23.19
CA GLN D 125 12.02 -5.37 -23.91
C GLN D 125 12.41 -5.14 -25.37
N LYS D 126 11.74 -4.20 -26.01
CA LYS D 126 12.05 -3.81 -27.40
C LYS D 126 13.47 -3.26 -27.56
N GLU D 127 13.97 -2.55 -26.54
CA GLU D 127 15.32 -1.97 -26.57
C GLU D 127 16.40 -2.96 -26.15
N ASN D 128 16.00 -4.06 -25.54
CA ASN D 128 16.92 -5.08 -25.05
C ASN D 128 16.49 -6.48 -25.53
N PRO D 129 16.39 -6.66 -26.84
CA PRO D 129 15.88 -7.90 -27.38
C PRO D 129 16.65 -9.16 -27.03
N GLY D 130 17.88 -9.04 -26.53
CA GLY D 130 18.67 -10.21 -26.15
C GLY D 130 18.28 -10.87 -24.82
N PHE D 131 17.62 -10.14 -23.93
CA PHE D 131 17.27 -10.67 -22.63
C PHE D 131 15.94 -11.43 -22.65
N ASP D 132 15.87 -12.49 -21.83
CA ASP D 132 14.65 -13.30 -21.70
C ASP D 132 13.91 -12.80 -20.47
N PHE D 133 12.64 -12.44 -20.65
CA PHE D 133 11.79 -11.89 -19.56
C PHE D 133 10.74 -12.91 -19.05
N SER D 134 11.23 -14.13 -18.81
CA SER D 134 10.41 -15.24 -18.33
C SER D 134 11.33 -16.38 -17.85
C1 EDO E . 9.43 8.03 20.87
O1 EDO E . 9.91 7.59 19.60
C2 EDO E . 7.94 8.41 20.83
O2 EDO E . 7.38 8.28 22.15
C1 EDO F . -12.85 4.97 -40.83
O1 EDO F . -13.59 6.16 -41.20
C2 EDO F . -13.24 3.76 -41.67
O2 EDO F . -14.51 3.27 -41.22
C1 EDO G . -20.76 -26.79 -9.91
O1 EDO G . -20.32 -28.06 -10.43
C2 EDO G . -21.98 -26.32 -10.68
O2 EDO G . -21.58 -26.05 -12.04
#